data_1L0P
#
_entry.id   1L0P
#
_cell.length_a   71.3
_cell.length_b   138.4
_cell.length_c   114.9
_cell.angle_alpha   90
_cell.angle_beta   90
_cell.angle_gamma   90
#
_symmetry.space_group_name_H-M   'C 2 2 21'
#
loop_
_entity.id
_entity.type
_entity.pdbx_description
1 polymer ALPHA-AMYLASE
2 non-polymer 'CALCIUM ION'
3 non-polymer 'NITRATE ION'
4 water water
#
_entity_poly.entity_id   1
_entity_poly.type   'polypeptide(L)'
_entity_poly.pdbx_seq_one_letter_code
;TPTTFVHLFEWNWQDVAQECEQYLGPKGYAAVQVSPPNEHITGSQWWTRYQPVSYELQSRGGNRAQFIDMVNRCSAAGVD
IYVDTLINHMAAGSGTGTAGNSFGNKSFPIYSPQDFHESCTINNSDYGNDRYRVQNCELVGLADLDTASNYVQNTIAAYI
NDLQAIGVKGFRFDASKHVAASDIQSLMAKVNGSPVVFQEVIDQGGEAVGASEYLSTGLVTEFKYSTELGNTFRNGSLAW
LSNFGEGWGFMPSSSAVVFVDNHDNQRGHGGAGNVITFEDGRLYDLANVFMLAYPYGYPKVMSSYDFHGDTDAGGPNVPV
HNNGNLECFASNWKCEHRWSYIAGGVDFRNNTADNWAVTNWWDNTNNQISFGRGSSGHMAINKEDSTLTATVQTDMASGQ
YCNVLKGELSADAKSCSGEVITVNSDGTINLNIGAWDAMAIHKNAKLN
;
_entity_poly.pdbx_strand_id   A
#
loop_
_chem_comp.id
_chem_comp.type
_chem_comp.name
_chem_comp.formula
CA non-polymer 'CALCIUM ION' 'Ca 2'
NO3 non-polymer 'NITRATE ION' 'N O3 -1'
#
# COMPACT_ATOMS: atom_id res chain seq x y z
N THR A 1 -12.83 -6.37 -11.76
CA THR A 1 -11.48 -5.97 -12.26
C THR A 1 -10.57 -5.69 -11.07
N PRO A 2 -9.31 -6.17 -11.12
CA PRO A 2 -8.36 -5.95 -10.03
C PRO A 2 -7.96 -4.48 -10.03
N THR A 3 -8.03 -3.83 -8.87
CA THR A 3 -7.71 -2.41 -8.76
C THR A 3 -6.90 -2.01 -7.54
N THR A 4 -6.85 -2.90 -6.56
CA THR A 4 -6.19 -2.61 -5.29
C THR A 4 -5.24 -3.69 -4.83
N PHE A 5 -4.16 -3.28 -4.15
CA PHE A 5 -3.22 -4.26 -3.59
C PHE A 5 -3.09 -4.04 -2.08
N VAL A 6 -2.45 -4.98 -1.37
CA VAL A 6 -2.34 -4.88 0.08
C VAL A 6 -0.93 -5.19 0.53
N HIS A 7 -0.52 -4.56 1.63
CA HIS A 7 0.81 -4.78 2.21
C HIS A 7 0.63 -5.68 3.43
N LEU A 8 1.04 -6.94 3.30
CA LEU A 8 0.97 -7.89 4.43
C LEU A 8 2.30 -7.78 5.18
N PHE A 9 2.42 -6.66 5.89
CA PHE A 9 3.59 -6.28 6.68
C PHE A 9 4.06 -7.31 7.69
N GLU A 10 5.24 -7.88 7.45
CA GLU A 10 5.81 -8.89 8.34
C GLU A 10 5.09 -10.24 8.37
N TRP A 11 4.21 -10.49 7.41
CA TRP A 11 3.52 -11.79 7.33
C TRP A 11 4.49 -12.82 6.76
N ASN A 12 4.58 -13.99 7.39
CA ASN A 12 5.48 -15.04 6.89
C ASN A 12 4.88 -15.65 5.62
N TRP A 13 5.68 -16.36 4.83
CA TRP A 13 5.20 -16.91 3.56
C TRP A 13 4.03 -17.88 3.60
N GLN A 14 3.91 -18.66 4.69
CA GLN A 14 2.83 -19.63 4.82
C GLN A 14 1.51 -18.92 5.09
N ASP A 15 1.56 -17.88 5.91
CA ASP A 15 0.39 -17.08 6.23
C ASP A 15 -0.09 -16.32 5.00
N VAL A 16 0.84 -15.87 4.16
CA VAL A 16 0.46 -15.15 2.94
C VAL A 16 -0.22 -16.11 1.97
N ALA A 17 0.42 -17.27 1.74
CA ALA A 17 -0.12 -18.28 0.82
C ALA A 17 -1.56 -18.64 1.18
N GLN A 18 -1.80 -18.88 2.47
CA GLN A 18 -3.16 -19.20 2.95
C GLN A 18 -4.11 -18.03 2.79
N GLU A 19 -3.61 -16.83 3.05
CA GLU A 19 -4.43 -15.63 2.92
C GLU A 19 -4.85 -15.41 1.48
N CYS A 20 -3.98 -15.77 0.54
CA CYS A 20 -4.30 -15.64 -0.89
C CYS A 20 -5.50 -16.51 -1.28
N GLU A 21 -5.44 -17.77 -0.86
CA GLU A 21 -6.47 -18.77 -1.19
C GLU A 21 -7.82 -18.57 -0.52
N GLN A 22 -7.77 -18.26 0.77
CA GLN A 22 -8.97 -18.08 1.57
C GLN A 22 -9.63 -16.71 1.49
N TYR A 23 -8.85 -15.67 1.28
CA TYR A 23 -9.42 -14.32 1.30
C TYR A 23 -9.12 -13.36 0.15
N LEU A 24 -7.84 -13.06 -0.08
CA LEU A 24 -7.42 -12.09 -1.10
C LEU A 24 -7.95 -12.39 -2.50
N GLY A 25 -7.82 -13.65 -2.92
CA GLY A 25 -8.31 -14.02 -4.24
C GLY A 25 -9.81 -13.88 -4.36
N PRO A 26 -10.59 -14.53 -3.46
CA PRO A 26 -12.05 -14.45 -3.47
C PRO A 26 -12.60 -13.02 -3.38
N LYS A 27 -11.94 -12.17 -2.59
CA LYS A 27 -12.36 -10.80 -2.39
C LYS A 27 -11.91 -9.82 -3.47
N GLY A 28 -11.05 -10.28 -4.37
CA GLY A 28 -10.60 -9.41 -5.45
C GLY A 28 -9.36 -8.55 -5.32
N TYR A 29 -8.53 -8.75 -4.30
CA TYR A 29 -7.30 -7.96 -4.18
C TYR A 29 -6.39 -8.37 -5.34
N ALA A 30 -5.81 -7.37 -6.00
CA ALA A 30 -4.92 -7.60 -7.15
C ALA A 30 -3.58 -8.24 -6.83
N ALA A 31 -2.97 -7.79 -5.75
CA ALA A 31 -1.65 -8.28 -5.40
C ALA A 31 -1.32 -8.09 -3.93
N VAL A 32 -0.17 -8.62 -3.56
CA VAL A 32 0.32 -8.53 -2.21
C VAL A 32 1.76 -8.05 -2.21
N GLN A 33 2.04 -7.01 -1.45
CA GLN A 33 3.42 -6.53 -1.28
C GLN A 33 3.93 -7.26 -0.03
N VAL A 34 4.97 -8.06 -0.18
CA VAL A 34 5.52 -8.80 0.95
C VAL A 34 6.74 -8.07 1.52
N SER A 35 7.14 -8.40 2.74
CA SER A 35 8.33 -7.79 3.34
C SER A 35 9.56 -8.35 2.61
N PRO A 36 10.70 -7.64 2.65
CA PRO A 36 11.92 -8.12 1.97
C PRO A 36 12.21 -9.60 2.22
N PRO A 37 12.21 -10.41 1.15
CA PRO A 37 12.48 -11.87 1.23
C PRO A 37 13.94 -12.30 1.23
N ASN A 38 14.85 -11.36 1.00
CA ASN A 38 16.27 -11.67 0.96
C ASN A 38 16.93 -11.76 2.35
N GLU A 39 18.16 -12.27 2.39
CA GLU A 39 18.90 -12.39 3.64
C GLU A 39 19.13 -11.01 4.25
N HIS A 40 18.80 -10.87 5.53
CA HIS A 40 18.95 -9.62 6.25
C HIS A 40 19.59 -9.87 7.63
N ILE A 41 19.92 -8.81 8.36
CA ILE A 41 20.54 -8.97 9.67
C ILE A 41 19.60 -9.67 10.68
N THR A 42 20.20 -10.30 11.68
CA THR A 42 19.43 -10.98 12.73
C THR A 42 18.90 -9.92 13.71
N GLY A 43 17.89 -10.28 14.48
CA GLY A 43 17.30 -9.32 15.41
C GLY A 43 15.78 -9.37 15.29
N SER A 44 15.07 -8.95 16.32
CA SER A 44 13.60 -9.00 16.28
C SER A 44 12.88 -7.76 15.73
N GLN A 45 13.59 -6.65 15.59
CA GLN A 45 12.99 -5.41 15.09
C GLN A 45 12.49 -5.55 13.67
N TRP A 46 11.40 -4.85 13.34
CA TRP A 46 10.86 -4.94 11.99
C TRP A 46 11.85 -4.41 10.95
N TRP A 47 12.61 -3.37 11.32
CA TRP A 47 13.58 -2.75 10.42
C TRP A 47 14.83 -3.54 10.07
N THR A 48 14.99 -4.74 10.61
CA THR A 48 16.15 -5.57 10.26
C THR A 48 16.01 -5.99 8.80
N ARG A 49 14.76 -6.07 8.33
CA ARG A 49 14.44 -6.44 6.96
C ARG A 49 15.04 -5.47 5.94
N TYR A 50 15.28 -4.24 6.39
CA TYR A 50 15.85 -3.19 5.54
C TYR A 50 17.37 -3.03 5.56
N GLN A 51 18.05 -4.06 6.05
CA GLN A 51 19.50 -4.10 6.11
C GLN A 51 19.93 -5.45 5.52
N PRO A 52 19.98 -5.54 4.17
CA PRO A 52 20.36 -6.75 3.44
C PRO A 52 21.77 -7.21 3.73
N VAL A 53 21.97 -8.53 3.63
CA VAL A 53 23.27 -9.17 3.80
C VAL A 53 23.63 -9.84 2.46
N SER A 54 22.63 -10.40 1.77
CA SER A 54 22.82 -11.02 0.46
C SER A 54 21.46 -11.10 -0.22
N TYR A 55 21.41 -11.74 -1.37
CA TYR A 55 20.14 -11.87 -2.10
C TYR A 55 19.55 -13.27 -2.02
N GLU A 56 20.09 -14.10 -1.11
CA GLU A 56 19.57 -15.44 -0.90
C GLU A 56 18.19 -15.29 -0.27
N LEU A 57 17.23 -16.10 -0.71
CA LEU A 57 15.87 -16.02 -0.19
C LEU A 57 15.63 -16.77 1.12
N GLN A 58 16.34 -16.36 2.16
CA GLN A 58 16.26 -16.97 3.49
C GLN A 58 16.10 -15.80 4.46
N SER A 59 14.86 -15.54 4.86
CA SER A 59 14.58 -14.41 5.74
C SER A 59 13.67 -14.79 6.88
N ARG A 60 13.23 -13.78 7.62
CA ARG A 60 12.34 -13.97 8.74
C ARG A 60 11.01 -14.54 8.25
N GLY A 61 10.68 -14.29 6.97
CA GLY A 61 9.44 -14.80 6.42
C GLY A 61 9.49 -16.28 6.04
N GLY A 62 10.69 -16.83 5.94
CA GLY A 62 10.83 -18.23 5.58
C GLY A 62 11.95 -18.47 4.60
N ASN A 63 12.05 -19.71 4.12
CA ASN A 63 13.11 -20.05 3.19
C ASN A 63 12.67 -19.96 1.73
N ARG A 64 13.60 -20.29 0.83
CA ARG A 64 13.34 -20.22 -0.59
C ARG A 64 12.17 -21.10 -1.04
N ALA A 65 12.10 -22.32 -0.52
CA ALA A 65 11.02 -23.24 -0.89
C ALA A 65 9.65 -22.69 -0.48
N GLN A 66 9.55 -22.15 0.74
CA GLN A 66 8.30 -21.59 1.24
C GLN A 66 7.91 -20.34 0.43
N PHE A 67 8.91 -19.56 0.02
CA PHE A 67 8.68 -18.36 -0.78
C PHE A 67 8.12 -18.77 -2.14
N ILE A 68 8.77 -19.71 -2.79
CA ILE A 68 8.34 -20.18 -4.11
C ILE A 68 6.91 -20.76 -4.03
N ASP A 69 6.65 -21.51 -2.95
CA ASP A 69 5.35 -22.11 -2.70
C ASP A 69 4.29 -21.00 -2.60
N MET A 70 4.60 -19.93 -1.86
CA MET A 70 3.70 -18.78 -1.72
C MET A 70 3.36 -18.12 -3.06
N VAL A 71 4.37 -17.91 -3.89
CA VAL A 71 4.13 -17.28 -5.19
C VAL A 71 3.19 -18.14 -6.04
N ASN A 72 3.45 -19.44 -6.07
CA ASN A 72 2.65 -20.38 -6.84
C ASN A 72 1.20 -20.44 -6.39
N ARG A 73 0.99 -20.58 -5.09
CA ARG A 73 -0.35 -20.66 -4.53
C ARG A 73 -1.13 -19.36 -4.69
N CYS A 74 -0.45 -18.23 -4.52
CA CYS A 74 -1.12 -16.93 -4.67
C CYS A 74 -1.50 -16.73 -6.12
N SER A 75 -0.58 -17.09 -7.00
CA SER A 75 -0.78 -16.99 -8.44
C SER A 75 -2.01 -17.83 -8.89
N ALA A 76 -2.12 -19.03 -8.34
CA ALA A 76 -3.25 -19.91 -8.67
C ALA A 76 -4.57 -19.31 -8.17
N ALA A 77 -4.50 -18.52 -7.11
CA ALA A 77 -5.67 -17.85 -6.54
C ALA A 77 -5.98 -16.53 -7.26
N GLY A 78 -5.13 -16.14 -8.20
CA GLY A 78 -5.31 -14.92 -8.98
C GLY A 78 -4.73 -13.68 -8.33
N VAL A 79 -3.73 -13.87 -7.47
CA VAL A 79 -3.11 -12.77 -6.74
C VAL A 79 -1.60 -12.64 -7.00
N ASP A 80 -1.17 -11.48 -7.47
CA ASP A 80 0.26 -11.24 -7.77
C ASP A 80 1.09 -10.95 -6.52
N ILE A 81 2.39 -11.13 -6.63
CA ILE A 81 3.31 -10.86 -5.53
C ILE A 81 4.26 -9.74 -5.96
N TYR A 82 4.37 -8.70 -5.14
CA TYR A 82 5.26 -7.56 -5.39
C TYR A 82 6.32 -7.70 -4.29
N VAL A 83 7.57 -7.66 -4.69
CA VAL A 83 8.67 -7.81 -3.75
C VAL A 83 9.35 -6.50 -3.37
N ASP A 84 9.46 -6.24 -2.08
CA ASP A 84 10.12 -5.04 -1.56
C ASP A 84 11.60 -5.28 -1.84
N THR A 85 12.14 -4.52 -2.79
CA THR A 85 13.53 -4.62 -3.24
C THR A 85 14.42 -3.46 -2.75
N LEU A 86 15.53 -3.82 -2.09
CA LEU A 86 16.47 -2.82 -1.55
C LEU A 86 17.51 -2.48 -2.61
N ILE A 87 17.34 -1.36 -3.28
CA ILE A 87 18.28 -0.99 -4.35
C ILE A 87 19.34 0.03 -3.97
N ASN A 88 19.18 0.66 -2.80
CA ASN A 88 20.11 1.70 -2.35
C ASN A 88 21.26 1.29 -1.44
N HIS A 89 21.06 0.27 -0.62
CA HIS A 89 22.08 -0.05 0.37
C HIS A 89 22.14 -1.48 0.89
N MET A 90 23.15 -1.72 1.73
CA MET A 90 23.35 -3.00 2.39
C MET A 90 23.41 -2.67 3.88
N ALA A 91 23.47 -3.70 4.71
CA ALA A 91 23.51 -3.55 6.17
C ALA A 91 24.63 -2.66 6.68
N ALA A 92 24.39 -2.03 7.83
CA ALA A 92 25.39 -1.17 8.45
C ALA A 92 26.26 -2.02 9.39
N GLY A 93 27.46 -1.54 9.70
CA GLY A 93 28.33 -2.27 10.61
C GLY A 93 28.75 -3.68 10.21
N SER A 94 28.72 -4.58 11.19
CA SER A 94 29.11 -5.97 10.98
C SER A 94 28.17 -6.93 11.73
N GLY A 95 28.21 -8.21 11.38
CA GLY A 95 27.35 -9.18 12.02
C GLY A 95 27.10 -10.44 11.21
N THR A 96 25.91 -11.03 11.40
CA THR A 96 25.52 -12.26 10.69
C THR A 96 24.12 -12.15 10.10
N GLY A 97 23.90 -12.80 8.97
CA GLY A 97 22.61 -12.77 8.31
C GLY A 97 21.75 -13.98 8.61
N THR A 98 20.49 -13.89 8.18
CA THR A 98 19.52 -14.95 8.41
C THR A 98 19.79 -16.26 7.67
N ALA A 99 20.81 -16.26 6.82
CA ALA A 99 21.19 -17.47 6.07
C ALA A 99 22.59 -17.94 6.46
N GLY A 100 23.11 -17.36 7.55
CA GLY A 100 24.42 -17.74 8.07
C GLY A 100 25.62 -16.96 7.58
N ASN A 101 25.44 -16.14 6.56
CA ASN A 101 26.52 -15.35 6.00
C ASN A 101 27.01 -14.26 6.95
N SER A 102 28.32 -14.04 6.97
CA SER A 102 28.90 -13.00 7.80
C SER A 102 29.19 -11.80 6.93
N PHE A 103 29.26 -10.63 7.54
CA PHE A 103 29.57 -9.40 6.82
C PHE A 103 30.22 -8.44 7.80
N GLY A 104 30.87 -7.40 7.27
CA GLY A 104 31.52 -6.42 8.12
C GLY A 104 32.44 -5.51 7.34
N ASN A 105 32.50 -4.25 7.75
CA ASN A 105 33.33 -3.24 7.09
C ASN A 105 33.04 -3.21 5.60
N LYS A 106 31.77 -3.05 5.25
CA LYS A 106 31.34 -3.00 3.85
C LYS A 106 31.77 -4.19 3.02
N SER A 107 32.04 -5.31 3.69
CA SER A 107 32.43 -6.53 3.00
C SER A 107 31.30 -7.53 3.19
N PHE A 108 30.63 -7.86 2.08
CA PHE A 108 29.51 -8.79 2.09
C PHE A 108 29.82 -9.96 1.16
N PRO A 109 29.00 -11.01 1.21
CA PRO A 109 29.29 -12.14 0.30
C PRO A 109 29.23 -11.79 -1.18
N ILE A 110 28.49 -10.74 -1.56
CA ILE A 110 28.37 -10.35 -2.97
C ILE A 110 28.93 -8.97 -3.31
N TYR A 111 29.40 -8.24 -2.30
CA TYR A 111 29.97 -6.91 -2.53
C TYR A 111 31.23 -6.70 -1.69
N SER A 112 32.14 -5.90 -2.26
CA SER A 112 33.40 -5.55 -1.63
C SER A 112 33.27 -4.08 -1.26
N PRO A 113 34.22 -3.56 -0.45
CA PRO A 113 34.15 -2.16 -0.06
C PRO A 113 34.16 -1.23 -1.27
N GLN A 114 34.76 -1.69 -2.37
CA GLN A 114 34.84 -0.88 -3.58
C GLN A 114 33.53 -0.75 -4.35
N ASP A 115 32.52 -1.52 -3.94
CA ASP A 115 31.22 -1.48 -4.61
C ASP A 115 30.26 -0.50 -3.96
N PHE A 116 30.78 0.27 -3.01
CA PHE A 116 30.00 1.25 -2.27
C PHE A 116 30.60 2.63 -2.45
N HIS A 117 29.78 3.65 -2.21
CA HIS A 117 30.23 5.02 -2.26
C HIS A 117 31.05 5.22 -1.00
N GLU A 118 31.97 6.16 -1.05
CA GLU A 118 32.81 6.49 0.09
C GLU A 118 31.86 6.99 1.19
N SER A 119 32.08 6.55 2.42
CA SER A 119 31.23 6.94 3.54
C SER A 119 31.13 8.43 3.84
N CYS A 120 29.89 8.86 4.05
CA CYS A 120 29.54 10.22 4.46
C CYS A 120 28.12 10.08 4.99
N THR A 121 27.72 11.01 5.85
CA THR A 121 26.41 10.95 6.47
C THR A 121 25.39 11.90 5.87
N ILE A 122 24.18 11.40 5.61
CA ILE A 122 23.14 12.28 5.09
C ILE A 122 22.59 13.05 6.28
N ASN A 123 22.62 14.38 6.20
CA ASN A 123 22.10 15.24 7.25
C ASN A 123 20.73 15.69 6.79
N ASN A 124 19.87 16.01 7.75
CA ASN A 124 18.51 16.47 7.47
C ASN A 124 18.45 17.66 6.49
N SER A 125 19.37 18.60 6.62
CA SER A 125 19.36 19.75 5.73
C SER A 125 19.80 19.41 4.29
N ASP A 126 20.45 18.25 4.11
CA ASP A 126 20.87 17.83 2.78
C ASP A 126 19.69 17.60 1.86
N TYR A 127 18.56 17.17 2.42
CA TYR A 127 17.36 16.91 1.64
C TYR A 127 16.90 18.13 0.86
N GLY A 128 16.99 19.31 1.47
CA GLY A 128 16.56 20.53 0.84
C GLY A 128 17.57 21.22 -0.04
N ASN A 129 18.86 20.93 0.12
CA ASN A 129 19.85 21.63 -0.70
C ASN A 129 21.09 20.90 -1.19
N ASP A 130 21.12 19.57 -1.12
CA ASP A 130 22.30 18.85 -1.61
C ASP A 130 21.92 17.47 -2.13
N ARG A 131 21.54 17.41 -3.40
CA ARG A 131 21.14 16.15 -3.99
C ARG A 131 22.28 15.15 -4.04
N TYR A 132 23.52 15.66 -4.14
CA TYR A 132 24.69 14.79 -4.19
C TYR A 132 24.78 13.97 -2.91
N ARG A 133 24.67 14.65 -1.77
CA ARG A 133 24.73 13.99 -0.47
C ARG A 133 23.55 13.04 -0.24
N VAL A 134 22.35 13.46 -0.64
CA VAL A 134 21.15 12.62 -0.50
C VAL A 134 21.32 11.28 -1.22
N GLN A 135 21.91 11.32 -2.42
CA GLN A 135 22.07 10.13 -3.24
C GLN A 135 23.41 9.39 -3.13
N ASN A 136 24.42 10.02 -2.54
CA ASN A 136 25.73 9.35 -2.42
C ASN A 136 26.14 9.06 -1.00
N CYS A 137 25.54 9.76 -0.03
CA CYS A 137 25.89 9.49 1.37
C CYS A 137 25.00 8.43 1.99
N GLU A 138 25.34 8.02 3.20
CA GLU A 138 24.62 6.98 3.92
C GLU A 138 23.37 7.41 4.64
N LEU A 139 22.31 6.63 4.44
CA LEU A 139 21.03 6.85 5.09
C LEU A 139 21.16 6.09 6.40
N VAL A 140 21.20 6.83 7.51
CA VAL A 140 21.34 6.27 8.85
C VAL A 140 22.41 5.15 8.98
N GLY A 141 23.59 5.39 8.40
CA GLY A 141 24.68 4.43 8.48
C GLY A 141 24.70 3.24 7.54
N LEU A 142 23.63 3.05 6.75
CA LEU A 142 23.56 1.94 5.80
C LEU A 142 24.57 2.14 4.66
N ALA A 143 25.37 1.11 4.38
CA ALA A 143 26.38 1.17 3.32
C ALA A 143 25.71 1.53 2.00
N ASP A 144 26.09 2.66 1.42
CA ASP A 144 25.47 3.12 0.19
C ASP A 144 26.11 2.50 -1.04
N LEU A 145 25.34 1.65 -1.72
CA LEU A 145 25.80 0.97 -2.91
C LEU A 145 26.15 1.94 -4.04
N ASP A 146 27.17 1.61 -4.82
CA ASP A 146 27.53 2.44 -5.97
C ASP A 146 26.60 1.96 -7.11
N THR A 147 25.41 2.53 -7.16
CA THR A 147 24.41 2.15 -8.15
C THR A 147 24.74 2.52 -9.61
N ALA A 148 25.84 3.24 -9.83
CA ALA A 148 26.26 3.59 -11.19
C ALA A 148 27.21 2.52 -11.70
N SER A 149 27.66 1.63 -10.81
CA SER A 149 28.58 0.56 -11.16
C SER A 149 27.89 -0.57 -11.93
N ASN A 150 28.50 -0.99 -13.04
CA ASN A 150 27.95 -2.06 -13.87
C ASN A 150 27.85 -3.37 -13.09
N TYR A 151 28.79 -3.62 -12.20
CA TYR A 151 28.73 -4.83 -11.40
C TYR A 151 27.51 -4.80 -10.49
N VAL A 152 27.34 -3.69 -9.77
CA VAL A 152 26.22 -3.53 -8.85
C VAL A 152 24.90 -3.64 -9.59
N GLN A 153 24.78 -2.95 -10.71
CA GLN A 153 23.56 -2.99 -11.51
C GLN A 153 23.21 -4.40 -11.99
N ASN A 154 24.24 -5.16 -12.39
CA ASN A 154 24.06 -6.55 -12.85
C ASN A 154 23.62 -7.46 -11.70
N THR A 155 24.17 -7.22 -10.52
CA THR A 155 23.85 -8.03 -9.36
C THR A 155 22.40 -7.85 -8.92
N ILE A 156 21.94 -6.59 -8.87
CA ILE A 156 20.57 -6.31 -8.47
C ILE A 156 19.61 -6.79 -9.56
N ALA A 157 19.98 -6.56 -10.82
CA ALA A 157 19.15 -6.98 -11.94
C ALA A 157 19.02 -8.50 -11.99
N ALA A 158 20.09 -9.21 -11.62
CA ALA A 158 20.07 -10.68 -11.63
C ALA A 158 19.07 -11.17 -10.57
N TYR A 159 19.07 -10.49 -9.43
CA TYR A 159 18.16 -10.83 -8.33
C TYR A 159 16.71 -10.60 -8.80
N ILE A 160 16.45 -9.43 -9.36
CA ILE A 160 15.11 -9.08 -9.86
C ILE A 160 14.65 -10.09 -10.91
N ASN A 161 15.55 -10.44 -11.83
CA ASN A 161 15.25 -11.40 -12.90
C ASN A 161 14.99 -12.80 -12.38
N ASP A 162 15.69 -13.19 -11.31
CA ASP A 162 15.51 -14.50 -10.67
C ASP A 162 14.13 -14.57 -10.06
N LEU A 163 13.68 -13.46 -9.48
CA LEU A 163 12.36 -13.39 -8.85
C LEU A 163 11.27 -13.47 -9.92
N GLN A 164 11.51 -12.86 -11.09
CA GLN A 164 10.52 -12.91 -12.16
C GLN A 164 10.38 -14.36 -12.68
N ALA A 165 11.51 -15.06 -12.80
CA ALA A 165 11.50 -16.45 -13.27
C ALA A 165 10.67 -17.33 -12.35
N ILE A 166 10.68 -17.01 -11.06
CA ILE A 166 9.93 -17.71 -10.02
C ILE A 166 8.45 -17.35 -10.13
N GLY A 167 8.14 -16.19 -10.69
CA GLY A 167 6.75 -15.82 -10.82
C GLY A 167 6.38 -14.47 -10.24
N VAL A 168 7.32 -13.81 -9.58
CA VAL A 168 7.05 -12.49 -8.99
C VAL A 168 6.71 -11.52 -10.12
N LYS A 169 5.60 -10.79 -9.97
CA LYS A 169 5.11 -9.86 -10.98
C LYS A 169 5.41 -8.39 -10.79
N GLY A 170 5.89 -8.02 -9.62
CA GLY A 170 6.16 -6.62 -9.38
C GLY A 170 7.21 -6.39 -8.32
N PHE A 171 7.67 -5.15 -8.23
CA PHE A 171 8.72 -4.78 -7.30
C PHE A 171 8.56 -3.38 -6.73
N ARG A 172 8.87 -3.26 -5.44
CA ARG A 172 8.84 -1.97 -4.76
C ARG A 172 10.32 -1.59 -4.64
N PHE A 173 10.70 -0.44 -5.19
CA PHE A 173 12.10 -0.02 -5.09
C PHE A 173 12.21 0.84 -3.85
N ASP A 174 12.77 0.25 -2.80
CA ASP A 174 12.93 0.92 -1.52
C ASP A 174 13.98 2.04 -1.58
N ALA A 175 13.70 3.15 -0.90
CA ALA A 175 14.59 4.32 -0.83
C ALA A 175 15.05 4.81 -2.20
N SER A 176 14.11 4.91 -3.13
CA SER A 176 14.42 5.34 -4.49
C SER A 176 14.97 6.74 -4.57
N LYS A 177 14.55 7.61 -3.65
CA LYS A 177 15.03 8.99 -3.63
C LYS A 177 16.54 9.04 -3.45
N HIS A 178 17.08 8.06 -2.73
CA HIS A 178 18.52 8.01 -2.46
C HIS A 178 19.33 7.39 -3.59
N VAL A 179 18.69 7.17 -4.73
CA VAL A 179 19.37 6.64 -5.90
C VAL A 179 19.02 7.53 -7.08
N ALA A 180 20.03 7.97 -7.82
CA ALA A 180 19.82 8.83 -8.99
C ALA A 180 18.87 8.17 -9.99
N ALA A 181 17.90 8.94 -10.49
CA ALA A 181 16.92 8.43 -11.44
C ALA A 181 17.61 7.76 -12.64
N SER A 182 18.72 8.34 -13.08
CA SER A 182 19.48 7.78 -14.21
C SER A 182 20.09 6.40 -13.88
N ASP A 183 20.43 6.17 -12.61
CA ASP A 183 20.97 4.86 -12.20
C ASP A 183 19.85 3.82 -12.30
N ILE A 184 18.64 4.22 -11.92
CA ILE A 184 17.48 3.31 -11.98
C ILE A 184 17.15 3.04 -13.44
N GLN A 185 17.29 4.05 -14.30
CA GLN A 185 17.04 3.88 -15.73
C GLN A 185 17.98 2.83 -16.31
N SER A 186 19.25 2.89 -15.91
CA SER A 186 20.26 1.94 -16.37
C SER A 186 19.99 0.56 -15.83
N LEU A 187 19.52 0.50 -14.59
CA LEU A 187 19.18 -0.76 -13.95
C LEU A 187 18.05 -1.48 -14.70
N MET A 188 16.99 -0.73 -14.98
CA MET A 188 15.82 -1.25 -15.67
C MET A 188 16.08 -1.77 -17.08
N ALA A 189 17.13 -1.27 -17.72
CA ALA A 189 17.51 -1.72 -19.05
C ALA A 189 18.00 -3.17 -18.98
N LYS A 190 18.42 -3.59 -17.78
CA LYS A 190 18.91 -4.94 -17.54
C LYS A 190 17.80 -5.88 -17.05
N VAL A 191 16.64 -5.33 -16.71
CA VAL A 191 15.52 -6.13 -16.22
C VAL A 191 14.70 -6.69 -17.37
N ASN A 192 14.46 -8.00 -17.33
CA ASN A 192 13.68 -8.70 -18.34
C ASN A 192 12.22 -8.29 -18.33
N GLY A 193 11.67 -8.06 -19.53
CA GLY A 193 10.29 -7.69 -19.71
C GLY A 193 9.89 -6.37 -19.09
N SER A 194 8.66 -6.29 -18.61
CA SER A 194 8.18 -5.08 -17.98
C SER A 194 7.30 -5.37 -16.75
N PRO A 195 7.96 -5.68 -15.62
CA PRO A 195 7.22 -5.97 -14.39
C PRO A 195 6.64 -4.68 -13.83
N VAL A 196 5.73 -4.79 -12.88
CA VAL A 196 5.17 -3.60 -12.26
C VAL A 196 6.25 -3.12 -11.28
N VAL A 197 6.61 -1.84 -11.38
CA VAL A 197 7.61 -1.28 -10.49
C VAL A 197 7.07 -0.02 -9.86
N PHE A 198 7.09 0.08 -8.53
CA PHE A 198 6.68 1.33 -7.91
C PHE A 198 7.83 1.77 -7.00
N GLN A 199 8.11 3.05 -7.04
CA GLN A 199 9.25 3.61 -6.31
C GLN A 199 8.89 4.44 -5.10
N GLU A 200 9.53 4.13 -3.97
CA GLU A 200 9.29 4.89 -2.75
C GLU A 200 10.10 6.18 -2.81
N VAL A 201 9.39 7.30 -2.95
CA VAL A 201 10.01 8.60 -2.96
C VAL A 201 9.14 9.49 -2.08
N ILE A 202 9.67 9.91 -0.94
CA ILE A 202 8.91 10.78 -0.04
C ILE A 202 9.14 12.22 -0.46
N ASP A 203 8.13 12.83 -1.06
CA ASP A 203 8.26 14.21 -1.51
C ASP A 203 7.01 15.04 -1.17
N GLN A 204 7.12 15.81 -0.11
CA GLN A 204 6.03 16.67 0.34
C GLN A 204 6.25 18.10 -0.16
N GLY A 205 7.34 18.30 -0.91
CA GLY A 205 7.68 19.61 -1.45
C GLY A 205 8.94 20.17 -0.81
N GLY A 206 9.66 21.03 -1.53
CA GLY A 206 10.88 21.62 -0.99
C GLY A 206 12.08 20.70 -0.85
N GLU A 207 12.10 19.64 -1.64
CA GLU A 207 13.20 18.67 -1.64
C GLU A 207 14.11 19.00 -2.83
N ALA A 208 15.39 18.66 -2.72
CA ALA A 208 16.34 18.86 -3.80
C ALA A 208 16.07 17.78 -4.86
N VAL A 209 15.65 16.61 -4.40
CA VAL A 209 15.32 15.48 -5.28
C VAL A 209 13.80 15.36 -5.30
N GLY A 210 13.21 15.46 -6.48
CA GLY A 210 11.76 15.38 -6.57
C GLY A 210 11.17 14.06 -7.08
N ALA A 211 9.92 13.83 -6.68
CA ALA A 211 9.20 12.63 -7.09
C ALA A 211 9.03 12.55 -8.60
N SER A 212 8.80 13.70 -9.24
CA SER A 212 8.61 13.74 -10.70
C SER A 212 9.78 13.18 -11.49
N GLU A 213 10.96 13.11 -10.88
CA GLU A 213 12.15 12.58 -11.54
C GLU A 213 12.07 11.07 -11.80
N TYR A 214 11.21 10.39 -11.04
CA TYR A 214 11.08 8.94 -11.18
C TYR A 214 9.87 8.48 -11.99
N LEU A 215 9.16 9.41 -12.60
CA LEU A 215 7.97 9.04 -13.38
C LEU A 215 8.22 8.18 -14.62
N SER A 216 9.42 8.23 -15.20
CA SER A 216 9.67 7.43 -16.41
C SER A 216 10.14 6.02 -16.11
N THR A 217 10.43 5.73 -14.85
CA THR A 217 10.89 4.39 -14.48
C THR A 217 9.83 3.53 -13.80
N GLY A 218 8.64 4.09 -13.59
CA GLY A 218 7.55 3.34 -12.97
C GLY A 218 6.64 4.21 -12.13
N LEU A 219 5.78 3.57 -11.35
CA LEU A 219 4.88 4.29 -10.47
C LEU A 219 5.70 4.84 -9.31
N VAL A 220 5.15 5.86 -8.65
CA VAL A 220 5.81 6.50 -7.52
C VAL A 220 4.83 6.71 -6.37
N THR A 221 5.29 6.46 -5.16
CA THR A 221 4.47 6.64 -3.97
C THR A 221 4.19 8.15 -3.82
N GLU A 222 2.90 8.50 -3.78
CA GLU A 222 2.49 9.89 -3.60
C GLU A 222 2.19 10.10 -2.11
N PHE A 223 3.22 10.50 -1.35
CA PHE A 223 3.06 10.70 0.09
C PHE A 223 2.17 11.86 0.48
N LYS A 224 1.94 12.80 -0.43
CA LYS A 224 1.06 13.93 -0.15
C LYS A 224 -0.38 13.46 0.09
N TYR A 225 -0.75 12.37 -0.59
CA TYR A 225 -2.09 11.82 -0.49
C TYR A 225 -2.36 11.40 0.96
N SER A 226 -1.49 10.56 1.50
CA SER A 226 -1.61 10.09 2.88
C SER A 226 -1.70 11.26 3.88
N THR A 227 -0.81 12.24 3.71
CA THR A 227 -0.78 13.38 4.61
C THR A 227 -1.99 14.30 4.50
N GLU A 228 -2.37 14.65 3.28
CA GLU A 228 -3.50 15.54 3.07
C GLU A 228 -4.85 14.92 3.41
N LEU A 229 -4.99 13.63 3.14
CA LEU A 229 -6.22 12.90 3.42
C LEU A 229 -6.37 12.88 4.94
N GLY A 230 -5.29 12.51 5.61
CA GLY A 230 -5.32 12.46 7.07
C GLY A 230 -5.61 13.81 7.66
N ASN A 231 -4.99 14.84 7.10
CA ASN A 231 -5.21 16.18 7.62
C ASN A 231 -6.63 16.70 7.40
N THR A 232 -7.18 16.40 6.24
CA THR A 232 -8.52 16.83 5.91
C THR A 232 -9.54 16.09 6.80
N PHE A 233 -9.40 14.78 6.93
CA PHE A 233 -10.31 13.99 7.75
C PHE A 233 -10.30 14.35 9.23
N ARG A 234 -9.14 14.75 9.76
CA ARG A 234 -9.07 15.13 11.16
C ARG A 234 -9.35 16.60 11.42
N ASN A 235 -8.73 17.47 10.63
CA ASN A 235 -8.83 18.90 10.85
C ASN A 235 -9.53 19.76 9.82
N GLY A 236 -9.97 19.19 8.70
CA GLY A 236 -10.62 20.00 7.69
C GLY A 236 -12.06 19.63 7.39
N SER A 237 -12.51 19.94 6.18
CA SER A 237 -13.87 19.62 5.76
C SER A 237 -13.75 18.65 4.59
N LEU A 238 -14.58 17.60 4.61
CA LEU A 238 -14.57 16.62 3.53
C LEU A 238 -14.96 17.25 2.20
N ALA A 239 -15.75 18.32 2.29
CA ALA A 239 -16.22 19.08 1.14
C ALA A 239 -15.04 19.54 0.27
N TRP A 240 -13.89 19.76 0.91
CA TRP A 240 -12.69 20.19 0.19
C TRP A 240 -12.13 19.14 -0.77
N LEU A 241 -12.51 17.88 -0.57
CA LEU A 241 -11.99 16.79 -1.39
C LEU A 241 -12.62 16.64 -2.77
N SER A 242 -13.50 17.55 -3.16
CA SER A 242 -14.19 17.46 -4.45
C SER A 242 -13.27 17.43 -5.68
N ASN A 243 -12.06 17.96 -5.52
CA ASN A 243 -11.07 18.01 -6.60
C ASN A 243 -9.73 17.42 -6.15
N PHE A 244 -9.78 16.48 -5.19
CA PHE A 244 -8.58 15.82 -4.66
C PHE A 244 -7.78 15.19 -5.81
N GLY A 245 -6.46 15.22 -5.72
CA GLY A 245 -5.62 14.67 -6.76
C GLY A 245 -4.71 15.72 -7.37
N GLU A 246 -4.59 15.71 -8.70
CA GLU A 246 -3.75 16.66 -9.43
C GLU A 246 -4.16 18.10 -9.10
N GLY A 247 -5.44 18.27 -8.77
CA GLY A 247 -5.94 19.58 -8.40
C GLY A 247 -5.27 20.13 -7.15
N TRP A 248 -4.83 19.25 -6.25
CA TRP A 248 -4.14 19.67 -5.03
C TRP A 248 -2.62 19.70 -5.19
N GLY A 249 -2.13 19.46 -6.40
CA GLY A 249 -0.71 19.45 -6.68
C GLY A 249 -0.10 18.07 -6.68
N PHE A 250 -0.91 17.01 -6.60
CA PHE A 250 -0.40 15.65 -6.60
C PHE A 250 0.09 15.27 -8.00
N MET A 251 0.88 14.20 -8.10
CA MET A 251 1.40 13.72 -9.37
C MET A 251 0.28 13.08 -10.20
N PRO A 252 0.52 12.81 -11.48
CA PRO A 252 -0.52 12.20 -12.33
C PRO A 252 -1.10 10.94 -11.68
N SER A 253 -2.42 10.81 -11.74
CA SER A 253 -3.15 9.70 -11.17
C SER A 253 -2.64 8.34 -11.60
N SER A 254 -2.37 8.21 -12.90
CA SER A 254 -1.89 6.96 -13.48
C SER A 254 -0.45 6.60 -13.07
N SER A 255 0.23 7.51 -12.37
CA SER A 255 1.61 7.28 -11.94
C SER A 255 1.73 7.09 -10.43
N ALA A 256 0.64 7.30 -9.70
CA ALA A 256 0.67 7.22 -8.25
C ALA A 256 0.17 6.00 -7.52
N VAL A 257 0.90 5.65 -6.47
CA VAL A 257 0.53 4.58 -5.55
C VAL A 257 0.13 5.41 -4.31
N VAL A 258 -1.11 5.26 -3.88
CA VAL A 258 -1.62 6.01 -2.73
C VAL A 258 -1.97 5.07 -1.58
N PHE A 259 -2.13 5.64 -0.39
CA PHE A 259 -2.45 4.89 0.82
C PHE A 259 -2.88 5.82 1.94
N VAL A 260 -3.59 5.29 2.94
CA VAL A 260 -4.01 6.07 4.09
C VAL A 260 -2.78 6.16 5.00
N ASP A 261 -2.09 5.03 5.13
CA ASP A 261 -0.88 4.96 5.92
C ASP A 261 -0.01 3.80 5.38
N ASN A 262 1.26 3.78 5.77
CA ASN A 262 2.14 2.69 5.38
C ASN A 262 2.92 2.27 6.60
N HIS A 263 3.78 1.27 6.49
CA HIS A 263 4.51 0.78 7.67
C HIS A 263 5.41 1.80 8.35
N ASP A 264 5.95 2.75 7.57
CA ASP A 264 6.82 3.81 8.08
C ASP A 264 6.04 4.92 8.76
N ASN A 265 5.14 5.56 8.01
CA ASN A 265 4.40 6.68 8.56
C ASN A 265 3.43 6.38 9.70
N GLN A 266 3.09 5.12 9.92
CA GLN A 266 2.21 4.79 11.05
C GLN A 266 3.09 4.73 12.30
N ARG A 267 4.39 4.90 12.11
CA ARG A 267 5.37 4.89 13.20
C ARG A 267 6.10 6.22 13.32
N GLY A 268 5.60 7.25 12.64
CA GLY A 268 6.24 8.56 12.71
C GLY A 268 7.42 8.82 11.78
N HIS A 269 7.66 7.93 10.81
CA HIS A 269 8.74 8.12 9.84
C HIS A 269 8.11 8.51 8.52
N GLY A 270 8.15 9.80 8.18
CA GLY A 270 7.59 10.27 6.93
C GLY A 270 6.14 10.72 7.03
N GLY A 271 5.70 10.92 8.26
CA GLY A 271 4.33 11.35 8.50
C GLY A 271 4.13 11.71 9.96
N ALA A 272 3.47 12.84 10.20
CA ALA A 272 3.20 13.33 11.55
C ALA A 272 2.01 12.60 12.17
N GLY A 273 1.49 13.14 13.27
CA GLY A 273 0.36 12.55 13.97
C GLY A 273 -0.96 12.63 13.23
N ASN A 274 -1.06 13.49 12.21
CA ASN A 274 -2.30 13.58 11.45
C ASN A 274 -2.58 12.36 10.56
N VAL A 275 -1.56 11.52 10.34
CA VAL A 275 -1.75 10.32 9.55
C VAL A 275 -2.75 9.41 10.29
N ILE A 276 -3.76 8.95 9.56
CA ILE A 276 -4.76 8.07 10.17
C ILE A 276 -4.34 6.60 10.05
N THR A 277 -4.41 5.88 11.17
CA THR A 277 -4.03 4.46 11.23
C THR A 277 -5.15 3.60 11.88
N PHE A 278 -4.90 2.29 12.00
CA PHE A 278 -5.87 1.37 12.60
C PHE A 278 -6.27 1.82 13.99
N GLU A 279 -5.35 2.49 14.69
CA GLU A 279 -5.64 2.96 16.05
C GLU A 279 -6.81 3.93 16.09
N ASP A 280 -7.13 4.54 14.96
CA ASP A 280 -8.23 5.48 14.91
C ASP A 280 -9.58 4.85 14.62
N GLY A 281 -9.62 3.52 14.59
CA GLY A 281 -10.87 2.81 14.37
C GLY A 281 -11.74 3.24 13.21
N ARG A 282 -12.95 3.71 13.54
CA ARG A 282 -13.92 4.16 12.54
C ARG A 282 -13.42 5.32 11.65
N LEU A 283 -12.50 6.14 12.16
CA LEU A 283 -11.97 7.24 11.35
C LEU A 283 -11.16 6.58 10.21
N TYR A 284 -10.48 5.48 10.54
CA TYR A 284 -9.68 4.75 9.57
C TYR A 284 -10.59 4.09 8.54
N ASP A 285 -11.76 3.62 8.98
CA ASP A 285 -12.71 2.98 8.08
C ASP A 285 -13.13 3.99 7.02
N LEU A 286 -13.55 5.17 7.49
CA LEU A 286 -14.04 6.23 6.63
C LEU A 286 -12.98 6.77 5.67
N ALA A 287 -11.74 6.88 6.13
CA ALA A 287 -10.68 7.37 5.27
C ALA A 287 -10.41 6.37 4.15
N ASN A 288 -10.45 5.08 4.46
CA ASN A 288 -10.24 4.03 3.47
C ASN A 288 -11.38 4.02 2.46
N VAL A 289 -12.61 4.21 2.94
CA VAL A 289 -13.77 4.22 2.05
C VAL A 289 -13.65 5.35 1.03
N PHE A 290 -13.19 6.52 1.46
CA PHE A 290 -13.01 7.62 0.53
C PHE A 290 -11.92 7.26 -0.50
N MET A 291 -10.75 6.83 -0.02
CA MET A 291 -9.65 6.46 -0.90
C MET A 291 -10.03 5.41 -1.95
N LEU A 292 -10.72 4.36 -1.52
CA LEU A 292 -11.13 3.27 -2.41
C LEU A 292 -12.24 3.62 -3.38
N ALA A 293 -13.11 4.56 -2.99
CA ALA A 293 -14.20 4.99 -3.86
C ALA A 293 -13.76 6.07 -4.84
N TYR A 294 -12.80 6.90 -4.43
CA TYR A 294 -12.30 8.00 -5.25
C TYR A 294 -11.34 7.49 -6.34
N PRO A 295 -11.54 7.92 -7.58
CA PRO A 295 -10.72 7.49 -8.71
C PRO A 295 -9.32 8.08 -8.92
N TYR A 296 -8.51 8.13 -7.86
CA TYR A 296 -7.16 8.62 -8.01
C TYR A 296 -6.17 7.58 -7.52
N GLY A 297 -5.12 7.34 -8.31
CA GLY A 297 -4.07 6.40 -7.95
C GLY A 297 -4.39 4.92 -7.89
N TYR A 298 -3.36 4.15 -7.57
CA TYR A 298 -3.45 2.71 -7.41
C TYR A 298 -3.32 2.57 -5.89
N PRO A 299 -4.43 2.29 -5.20
CA PRO A 299 -4.45 2.15 -3.74
C PRO A 299 -3.78 0.91 -3.20
N LYS A 300 -3.14 1.08 -2.05
CA LYS A 300 -2.47 0.01 -1.34
C LYS A 300 -3.06 -0.02 0.08
N VAL A 301 -3.84 -1.06 0.38
CA VAL A 301 -4.42 -1.20 1.71
C VAL A 301 -3.31 -1.70 2.66
N MET A 302 -3.27 -1.12 3.85
CA MET A 302 -2.28 -1.49 4.85
C MET A 302 -2.82 -2.64 5.71
N SER A 303 -1.93 -3.53 6.14
CA SER A 303 -2.33 -4.63 7.03
C SER A 303 -1.24 -4.66 8.10
N SER A 304 -1.58 -4.23 9.30
CA SER A 304 -0.66 -4.10 10.42
C SER A 304 -0.80 -5.06 11.57
N TYR A 305 0.07 -4.86 12.54
CA TYR A 305 0.03 -5.60 13.80
C TYR A 305 0.08 -4.51 14.87
N ASP A 306 -0.60 -4.77 15.99
CA ASP A 306 -0.63 -3.84 17.10
C ASP A 306 0.76 -3.83 17.71
N PHE A 307 1.49 -2.73 17.58
CA PHE A 307 2.83 -2.67 18.12
C PHE A 307 2.92 -2.12 19.54
N HIS A 308 1.77 -1.88 20.16
CA HIS A 308 1.69 -1.40 21.53
C HIS A 308 2.62 -0.23 21.83
N GLY A 309 2.57 0.79 20.98
CA GLY A 309 3.41 1.96 21.17
C GLY A 309 4.90 1.80 20.95
N ASP A 310 5.37 0.58 20.68
CA ASP A 310 6.80 0.33 20.45
C ASP A 310 7.07 0.40 18.95
N THR A 311 7.63 1.53 18.49
CA THR A 311 7.90 1.72 17.07
C THR A 311 9.05 0.91 16.48
N ASP A 312 9.76 0.16 17.32
CA ASP A 312 10.87 -0.67 16.86
C ASP A 312 10.50 -2.15 16.81
N ALA A 313 9.52 -2.53 17.61
CA ALA A 313 9.08 -3.92 17.71
C ALA A 313 8.71 -4.63 16.39
N GLY A 314 9.06 -5.90 16.35
CA GLY A 314 8.73 -6.75 15.22
C GLY A 314 7.31 -7.25 15.45
N GLY A 315 6.83 -8.11 14.55
CA GLY A 315 5.48 -8.62 14.66
C GLY A 315 5.21 -9.61 15.78
N PRO A 316 3.95 -10.08 15.90
CA PRO A 316 3.44 -11.04 16.89
C PRO A 316 4.20 -12.37 16.87
N ASN A 317 4.24 -13.04 18.02
CA ASN A 317 4.93 -14.33 18.13
C ASN A 317 3.97 -15.46 17.82
N VAL A 318 2.93 -15.15 17.06
CA VAL A 318 1.93 -16.12 16.70
C VAL A 318 1.53 -15.91 15.24
N PRO A 319 1.36 -16.98 14.48
CA PRO A 319 0.97 -16.83 13.06
C PRO A 319 -0.49 -16.39 12.92
N VAL A 320 -0.85 -15.83 11.77
CA VAL A 320 -2.21 -15.38 11.52
C VAL A 320 -3.17 -16.57 11.52
N HIS A 321 -2.77 -17.63 10.81
CA HIS A 321 -3.54 -18.85 10.71
C HIS A 321 -2.93 -19.82 11.71
N ASN A 322 -3.46 -19.77 12.92
CA ASN A 322 -2.97 -20.55 14.06
C ASN A 322 -3.86 -21.74 14.44
N ASN A 323 -3.55 -22.91 13.88
CA ASN A 323 -4.30 -24.13 14.16
C ASN A 323 -5.81 -23.97 14.00
N GLY A 324 -6.23 -23.41 12.87
CA GLY A 324 -7.65 -23.21 12.62
C GLY A 324 -8.24 -21.96 13.25
N ASN A 325 -7.43 -21.24 14.02
CA ASN A 325 -7.88 -20.00 14.65
C ASN A 325 -7.25 -18.82 13.89
N LEU A 326 -8.01 -17.76 13.65
CA LEU A 326 -7.51 -16.57 12.95
C LEU A 326 -7.10 -15.51 13.96
N GLU A 327 -5.81 -15.21 14.02
CA GLU A 327 -5.28 -14.24 14.98
C GLU A 327 -5.41 -12.80 14.48
N CYS A 328 -6.64 -12.42 14.10
CA CYS A 328 -6.94 -11.09 13.59
C CYS A 328 -7.81 -10.25 14.50
N PHE A 329 -7.80 -8.93 14.25
CA PHE A 329 -8.64 -7.96 14.93
C PHE A 329 -8.38 -7.60 16.38
N ALA A 330 -7.49 -8.33 17.05
CA ALA A 330 -7.19 -8.05 18.46
C ALA A 330 -5.85 -7.36 18.70
N SER A 331 -5.07 -7.89 19.64
CA SER A 331 -3.79 -7.31 20.00
C SER A 331 -2.59 -7.91 19.25
N ASN A 332 -2.83 -8.73 18.24
CA ASN A 332 -1.75 -9.30 17.43
C ASN A 332 -1.90 -8.68 16.04
N TRP A 333 -2.25 -9.46 15.02
CA TRP A 333 -2.42 -8.93 13.68
C TRP A 333 -3.75 -8.17 13.63
N LYS A 334 -3.76 -6.97 13.04
CA LYS A 334 -4.99 -6.20 12.96
C LYS A 334 -5.88 -6.62 11.79
N CYS A 335 -5.24 -7.03 10.69
CA CYS A 335 -5.92 -7.49 9.47
C CYS A 335 -6.93 -6.50 8.90
N GLU A 336 -6.50 -5.26 8.70
CA GLU A 336 -7.36 -4.21 8.19
C GLU A 336 -7.95 -4.57 6.83
N HIS A 337 -7.21 -5.35 6.04
CA HIS A 337 -7.69 -5.75 4.72
C HIS A 337 -8.98 -6.61 4.79
N ARG A 338 -9.29 -7.12 5.98
CA ARG A 338 -10.50 -7.94 6.25
C ARG A 338 -11.62 -7.11 6.89
N TRP A 339 -11.30 -5.90 7.36
CA TRP A 339 -12.31 -5.03 7.97
C TRP A 339 -13.44 -4.77 6.97
N SER A 340 -14.66 -4.88 7.44
CA SER A 340 -15.86 -4.73 6.61
C SER A 340 -15.90 -3.52 5.64
N TYR A 341 -15.64 -2.32 6.15
CA TYR A 341 -15.66 -1.13 5.32
C TYR A 341 -14.54 -1.11 4.28
N ILE A 342 -13.39 -1.66 4.66
CA ILE A 342 -12.22 -1.69 3.80
C ILE A 342 -12.37 -2.72 2.70
N ALA A 343 -12.77 -3.95 3.03
CA ALA A 343 -12.97 -4.97 2.00
C ALA A 343 -14.13 -4.54 1.09
N GLY A 344 -15.14 -3.87 1.68
CA GLY A 344 -16.27 -3.38 0.91
C GLY A 344 -15.84 -2.27 -0.06
N GLY A 345 -14.90 -1.43 0.37
CA GLY A 345 -14.42 -0.36 -0.50
C GLY A 345 -13.67 -0.95 -1.69
N VAL A 346 -12.94 -2.05 -1.43
CA VAL A 346 -12.17 -2.75 -2.46
C VAL A 346 -13.18 -3.29 -3.48
N ASP A 347 -14.27 -3.87 -2.98
CA ASP A 347 -15.29 -4.40 -3.84
C ASP A 347 -15.90 -3.29 -4.70
N PHE A 348 -16.11 -2.13 -4.09
CA PHE A 348 -16.67 -0.99 -4.82
C PHE A 348 -15.75 -0.56 -5.96
N ARG A 349 -14.46 -0.40 -5.66
CA ARG A 349 -13.48 0.01 -6.64
C ARG A 349 -13.38 -1.02 -7.78
N ASN A 350 -13.42 -2.29 -7.42
CA ASN A 350 -13.34 -3.34 -8.43
C ASN A 350 -14.52 -3.32 -9.39
N ASN A 351 -15.70 -2.89 -8.90
CA ASN A 351 -16.91 -2.88 -9.73
C ASN A 351 -17.29 -1.57 -10.38
N THR A 352 -16.46 -0.56 -10.22
CA THR A 352 -16.71 0.74 -10.83
C THR A 352 -15.50 1.12 -11.72
N ALA A 353 -14.65 0.13 -11.99
CA ALA A 353 -13.44 0.34 -12.79
C ALA A 353 -13.72 0.67 -14.24
N ASP A 354 -14.99 0.65 -14.64
CA ASP A 354 -15.36 0.96 -16.02
C ASP A 354 -15.82 2.42 -16.16
N ASN A 355 -15.71 3.20 -15.09
CA ASN A 355 -16.08 4.60 -15.11
C ASN A 355 -15.25 5.33 -14.06
N TRP A 356 -14.16 5.97 -14.49
CA TRP A 356 -13.25 6.68 -13.59
C TRP A 356 -13.56 8.14 -13.29
N ALA A 357 -14.78 8.58 -13.60
CA ALA A 357 -15.14 9.96 -13.34
C ALA A 357 -15.87 10.07 -12.02
N VAL A 358 -15.83 11.23 -11.40
CA VAL A 358 -16.55 11.47 -10.17
C VAL A 358 -17.79 12.23 -10.65
N THR A 359 -18.97 11.65 -10.47
CA THR A 359 -20.20 12.28 -10.94
C THR A 359 -21.12 12.72 -9.82
N ASN A 360 -21.94 13.73 -10.10
CA ASN A 360 -22.91 14.25 -9.14
C ASN A 360 -22.37 14.41 -7.73
N TRP A 361 -21.31 15.20 -7.58
CA TRP A 361 -20.73 15.44 -6.26
C TRP A 361 -21.70 16.30 -5.47
N TRP A 362 -21.87 15.95 -4.19
CA TRP A 362 -22.74 16.68 -3.28
C TRP A 362 -22.07 16.73 -1.92
N ASP A 363 -22.24 17.85 -1.23
CA ASP A 363 -21.71 18.00 0.13
C ASP A 363 -22.56 19.03 0.88
N ASN A 364 -22.40 19.08 2.21
CA ASN A 364 -23.16 20.05 3.00
C ASN A 364 -22.24 21.22 3.39
N THR A 365 -21.22 21.44 2.56
CA THR A 365 -20.19 22.48 2.71
C THR A 365 -19.21 22.10 3.81
N ASN A 366 -19.49 21.00 4.52
CA ASN A 366 -18.60 20.58 5.58
C ASN A 366 -18.22 19.09 5.59
N ASN A 367 -18.76 18.30 6.52
CA ASN A 367 -18.39 16.88 6.63
C ASN A 367 -19.32 15.78 6.14
N GLN A 368 -20.19 16.11 5.21
CA GLN A 368 -21.07 15.11 4.60
C GLN A 368 -20.85 15.23 3.10
N ILE A 369 -20.48 14.12 2.47
CA ILE A 369 -20.24 14.12 1.03
C ILE A 369 -20.88 12.91 0.36
N SER A 370 -21.12 13.02 -0.93
CA SER A 370 -21.70 11.93 -1.70
C SER A 370 -21.30 12.12 -3.15
N PHE A 371 -20.95 11.03 -3.81
CA PHE A 371 -20.62 11.12 -5.23
C PHE A 371 -20.75 9.76 -5.88
N GLY A 372 -20.90 9.80 -7.20
CA GLY A 372 -21.03 8.58 -7.95
C GLY A 372 -19.88 8.33 -8.90
N ARG A 373 -19.92 7.16 -9.52
CA ARG A 373 -18.93 6.74 -10.50
C ARG A 373 -19.82 6.41 -11.69
N GLY A 374 -20.57 7.42 -12.13
CA GLY A 374 -21.50 7.24 -13.23
C GLY A 374 -22.56 6.26 -12.78
N SER A 375 -23.06 5.44 -13.71
CA SER A 375 -24.08 4.45 -13.39
C SER A 375 -23.51 3.15 -12.78
N SER A 376 -22.21 3.15 -12.48
CA SER A 376 -21.58 1.97 -11.90
C SER A 376 -21.69 1.89 -10.39
N GLY A 377 -21.82 3.03 -9.73
CA GLY A 377 -21.92 3.02 -8.28
C GLY A 377 -22.12 4.39 -7.69
N HIS A 378 -22.44 4.42 -6.40
CA HIS A 378 -22.64 5.68 -5.68
C HIS A 378 -22.21 5.44 -4.24
N MET A 379 -21.83 6.50 -3.54
CA MET A 379 -21.38 6.37 -2.17
C MET A 379 -21.65 7.65 -1.41
N ALA A 380 -21.61 7.57 -0.09
CA ALA A 380 -21.81 8.72 0.78
C ALA A 380 -21.10 8.49 2.09
N ILE A 381 -20.57 9.56 2.68
CA ILE A 381 -19.89 9.49 3.97
C ILE A 381 -20.47 10.57 4.87
N ASN A 382 -20.80 10.20 6.11
CA ASN A 382 -21.35 11.16 7.06
C ASN A 382 -20.39 11.28 8.22
N LYS A 383 -19.68 12.40 8.29
CA LYS A 383 -18.76 12.61 9.38
C LYS A 383 -19.20 13.76 10.29
N GLU A 384 -20.49 14.07 10.26
CA GLU A 384 -21.05 15.10 11.15
C GLU A 384 -21.59 14.33 12.35
N ASP A 385 -22.18 15.05 13.30
CA ASP A 385 -22.72 14.44 14.50
C ASP A 385 -24.21 14.12 14.41
N SER A 386 -24.83 14.47 13.29
CA SER A 386 -26.25 14.22 13.09
C SER A 386 -26.44 13.40 11.83
N THR A 387 -27.57 12.71 11.74
CA THR A 387 -27.87 11.85 10.60
C THR A 387 -27.87 12.57 9.26
N LEU A 388 -27.34 11.92 8.24
CA LEU A 388 -27.35 12.48 6.90
C LEU A 388 -28.63 11.94 6.28
N THR A 389 -29.61 12.83 6.04
CA THR A 389 -30.89 12.42 5.46
C THR A 389 -31.22 13.10 4.14
N ALA A 390 -30.20 13.69 3.49
CA ALA A 390 -30.43 14.37 2.23
C ALA A 390 -30.74 13.41 1.10
N THR A 391 -31.48 13.93 0.12
CA THR A 391 -31.83 13.19 -1.09
C THR A 391 -30.75 13.57 -2.10
N VAL A 392 -30.05 12.58 -2.63
CA VAL A 392 -28.98 12.84 -3.59
C VAL A 392 -29.33 12.23 -4.94
N GLN A 393 -28.82 12.83 -6.00
CA GLN A 393 -29.07 12.34 -7.35
C GLN A 393 -27.96 11.37 -7.80
N THR A 394 -28.34 10.24 -8.40
CA THR A 394 -27.38 9.26 -8.91
C THR A 394 -27.70 8.98 -10.38
N ASP A 395 -26.86 8.23 -11.06
CA ASP A 395 -27.13 7.85 -12.45
C ASP A 395 -27.42 6.35 -12.45
N MET A 396 -27.82 5.83 -11.29
CA MET A 396 -28.07 4.41 -11.20
C MET A 396 -29.48 3.95 -11.47
N ALA A 397 -29.57 2.72 -11.95
CA ALA A 397 -30.85 2.07 -12.25
C ALA A 397 -31.61 1.93 -10.94
N SER A 398 -32.91 2.17 -10.97
CA SER A 398 -33.72 2.06 -9.78
C SER A 398 -33.78 0.61 -9.32
N GLY A 399 -33.97 0.41 -8.02
CA GLY A 399 -34.03 -0.94 -7.50
C GLY A 399 -33.44 -0.99 -6.11
N GLN A 400 -33.15 -2.19 -5.63
CA GLN A 400 -32.57 -2.41 -4.29
C GLN A 400 -31.15 -2.88 -4.37
N TYR A 401 -30.29 -2.24 -3.56
CA TYR A 401 -28.86 -2.53 -3.56
C TYR A 401 -28.32 -2.84 -2.17
N CYS A 402 -27.30 -3.69 -2.10
CA CYS A 402 -26.70 -4.00 -0.81
C CYS A 402 -25.67 -2.91 -0.53
N ASN A 403 -25.68 -2.38 0.70
CA ASN A 403 -24.67 -1.41 1.09
C ASN A 403 -23.47 -2.33 1.30
N VAL A 404 -22.54 -2.37 0.33
CA VAL A 404 -21.40 -3.28 0.41
C VAL A 404 -20.39 -3.02 1.52
N LEU A 405 -20.53 -1.91 2.24
CA LEU A 405 -19.62 -1.59 3.33
C LEU A 405 -20.05 -2.36 4.57
N LYS A 406 -21.31 -2.79 4.58
CA LYS A 406 -21.88 -3.51 5.73
C LYS A 406 -22.36 -4.93 5.44
N GLY A 407 -22.16 -5.40 4.22
CA GLY A 407 -22.61 -6.74 3.88
C GLY A 407 -22.42 -7.02 2.42
N GLU A 408 -22.96 -8.14 1.95
CA GLU A 408 -22.81 -8.51 0.57
C GLU A 408 -24.02 -9.23 0.01
N LEU A 409 -24.05 -9.30 -1.32
CA LEU A 409 -25.12 -9.96 -2.05
C LEU A 409 -24.93 -11.48 -1.95
N SER A 410 -26.02 -12.21 -1.71
CA SER A 410 -25.96 -13.66 -1.60
C SER A 410 -25.77 -14.26 -2.99
N ALA A 411 -25.36 -15.53 -3.04
CA ALA A 411 -25.13 -16.22 -4.31
C ALA A 411 -26.29 -16.11 -5.31
N ASP A 412 -27.50 -16.39 -4.84
CA ASP A 412 -28.70 -16.33 -5.68
C ASP A 412 -29.21 -14.90 -5.96
N ALA A 413 -28.54 -13.91 -5.35
CA ALA A 413 -28.86 -12.49 -5.49
C ALA A 413 -30.24 -12.07 -4.99
N LYS A 414 -30.81 -12.85 -4.08
CA LYS A 414 -32.14 -12.54 -3.53
C LYS A 414 -32.08 -11.74 -2.23
N SER A 415 -30.91 -11.69 -1.61
CA SER A 415 -30.75 -10.97 -0.35
C SER A 415 -29.35 -10.41 -0.10
N CYS A 416 -29.27 -9.52 0.88
CA CYS A 416 -28.00 -8.92 1.29
C CYS A 416 -27.78 -9.36 2.74
N SER A 417 -26.55 -9.30 3.23
CA SER A 417 -26.30 -9.66 4.62
C SER A 417 -26.38 -8.40 5.48
N GLY A 418 -26.26 -7.24 4.84
CA GLY A 418 -26.32 -5.97 5.56
C GLY A 418 -27.52 -5.15 5.11
N GLU A 419 -27.51 -3.85 5.41
CA GLU A 419 -28.65 -3.00 5.03
C GLU A 419 -28.81 -2.82 3.54
N VAL A 420 -30.05 -2.58 3.14
CA VAL A 420 -30.39 -2.38 1.74
C VAL A 420 -30.58 -0.87 1.48
N ILE A 421 -30.17 -0.45 0.28
CA ILE A 421 -30.26 0.94 -0.14
C ILE A 421 -31.18 0.97 -1.37
N THR A 422 -32.17 1.84 -1.36
CA THR A 422 -33.08 1.95 -2.47
C THR A 422 -32.79 3.14 -3.38
N VAL A 423 -32.70 2.85 -4.67
CA VAL A 423 -32.52 3.89 -5.69
C VAL A 423 -33.92 4.07 -6.28
N ASN A 424 -34.51 5.24 -6.07
CA ASN A 424 -35.84 5.55 -6.57
C ASN A 424 -35.94 5.58 -8.10
N SER A 425 -37.17 5.58 -8.63
CA SER A 425 -37.39 5.58 -10.08
C SER A 425 -36.76 6.77 -10.80
N ASP A 426 -36.52 7.87 -10.09
CA ASP A 426 -35.89 9.04 -10.70
C ASP A 426 -34.38 9.07 -10.49
N GLY A 427 -33.84 7.98 -9.95
CA GLY A 427 -32.41 7.89 -9.71
C GLY A 427 -31.92 8.45 -8.38
N THR A 428 -32.82 9.04 -7.59
CA THR A 428 -32.42 9.60 -6.31
C THR A 428 -32.35 8.56 -5.18
N ILE A 429 -31.63 8.90 -4.12
CA ILE A 429 -31.52 8.04 -2.94
C ILE A 429 -31.83 8.93 -1.75
N ASN A 430 -32.75 8.49 -0.90
CA ASN A 430 -33.09 9.24 0.30
C ASN A 430 -32.16 8.67 1.36
N LEU A 431 -31.03 9.32 1.59
CA LEU A 431 -30.07 8.80 2.55
C LEU A 431 -30.58 8.75 3.99
N ASN A 432 -29.97 7.87 4.77
CA ASN A 432 -30.29 7.68 6.18
C ASN A 432 -29.01 7.11 6.79
N ILE A 433 -27.98 7.94 6.89
CA ILE A 433 -26.68 7.52 7.41
C ILE A 433 -26.36 8.16 8.75
N GLY A 434 -26.15 7.33 9.77
CA GLY A 434 -25.85 7.86 11.10
C GLY A 434 -24.47 8.53 11.18
N ALA A 435 -24.21 9.22 12.28
CA ALA A 435 -22.96 9.91 12.47
C ALA A 435 -21.79 8.94 12.32
N TRP A 436 -20.76 9.38 11.61
CA TRP A 436 -19.55 8.58 11.40
C TRP A 436 -19.79 7.22 10.74
N ASP A 437 -20.60 7.24 9.69
CA ASP A 437 -20.92 6.03 8.98
C ASP A 437 -20.95 6.36 7.48
N ALA A 438 -21.08 5.34 6.64
CA ALA A 438 -21.07 5.53 5.21
C ALA A 438 -21.85 4.45 4.47
N MET A 439 -22.04 4.66 3.18
CA MET A 439 -22.72 3.70 2.34
C MET A 439 -22.07 3.72 0.96
N ALA A 440 -22.09 2.57 0.29
CA ALA A 440 -21.54 2.44 -1.04
C ALA A 440 -22.30 1.31 -1.73
N ILE A 441 -22.76 1.58 -2.95
CA ILE A 441 -23.50 0.60 -3.72
C ILE A 441 -22.95 0.57 -5.15
N HIS A 442 -23.01 -0.59 -5.78
CA HIS A 442 -22.54 -0.72 -7.16
C HIS A 442 -23.46 -1.61 -7.98
N LYS A 443 -23.39 -1.45 -9.29
CA LYS A 443 -24.24 -2.19 -10.22
C LYS A 443 -24.18 -3.69 -10.11
N ASN A 444 -23.10 -4.23 -9.55
CA ASN A 444 -22.99 -5.68 -9.39
C ASN A 444 -23.43 -6.26 -8.03
N ALA A 445 -24.10 -5.43 -7.23
CA ALA A 445 -24.60 -5.88 -5.93
C ALA A 445 -26.04 -5.40 -5.84
N LYS A 446 -26.78 -5.64 -6.93
CA LYS A 446 -28.19 -5.27 -7.05
C LYS A 446 -29.06 -6.50 -6.77
N LEU A 447 -30.20 -6.30 -6.12
CA LEU A 447 -31.10 -7.39 -5.77
C LEU A 447 -32.00 -7.99 -6.87
N ASN A 448 -32.37 -9.25 -6.63
CA ASN A 448 -33.23 -10.14 -7.42
C ASN A 448 -33.13 -10.19 -8.96
CA CA B . 22.49 5.98 -2.66
N NO3 C . 5.39 2.67 0.41
O1 NO3 C . 5.47 1.58 -0.07
O2 NO3 C . 6.38 3.38 0.52
O3 NO3 C . 4.31 3.09 0.81
#